data_4JA7
#
_entry.id   4JA7
#
_cell.length_a   51.100
_cell.length_b   51.100
_cell.length_c   365.670
_cell.angle_alpha   90.00
_cell.angle_beta   90.00
_cell.angle_gamma   90.00
#
_symmetry.space_group_name_H-M   'P 41 21 2'
#
loop_
_entity.id
_entity.type
_entity.pdbx_description
1 polymer 'Serine/threonine-protein phosphatase 5'
2 non-polymer 'MAGNESIUM ION'
3 water water
#
_entity_poly.entity_id   1
_entity_poly.type   'polypeptide(L)'
_entity_poly.pdbx_seq_one_letter_code
;GSHMRDEPPAEGTLKRAEELKTQANDYFKAKDYENAIKFYSQAIELNPSNAIYYGNRSLAYLRTECYGYALGDATRAIEL
DKKYIKGYYRRAASNMALGKFRAALRDYETVVKVKPNDKDAKMKYQECSKIVKQKAFERAIAGDEHRRSVVDSLDIESMT
IEDEYSGPKLEDGKVTITFMKDLMQWYKDQKKLHRKCAYQILVQVKEVLCKLSTLVETTLKETEKITVCGDTHGQFYDLL
NIFELNGLPSETNPYIFNGDFVDRGSFSVEVILTLFGFKLLYPDHFHLLRGNHETDNMNQIYGFEGEVKAKYTAQMYELF
SEVFEWLPLAQCINGKVLIMHGGLFSEDGVTLDDIRKIERNRQPPDSGPMCDLLWSDPQPQNGRSVSKRGVSCQFGPDVT
KAFLEENQLDYIIRSHEVKAEGYEVAHGGRCVTVFSAPNYCDQMGNKASYIHLQGSDLRPQFHQFTAVPHPNVKPMAYAN
TLLQLGMM
;
_entity_poly.pdbx_strand_id   A
#
loop_
_chem_comp.id
_chem_comp.type
_chem_comp.name
_chem_comp.formula
MG non-polymer 'MAGNESIUM ION' 'Mg 2'
#
# COMPACT_ATOMS: atom_id res chain seq x y z
N GLY A 12 7.28 43.01 -3.67
CA GLY A 12 5.79 42.94 -3.68
C GLY A 12 5.39 41.55 -3.22
N THR A 13 4.97 41.44 -1.96
CA THR A 13 4.72 40.17 -1.28
C THR A 13 3.83 39.22 -2.11
N LEU A 14 2.78 39.79 -2.70
CA LEU A 14 1.72 39.04 -3.36
C LEU A 14 2.19 38.50 -4.69
N LYS A 15 2.90 39.34 -5.43
CA LYS A 15 3.56 38.88 -6.64
C LYS A 15 4.73 37.89 -6.35
N ARG A 16 5.33 37.95 -5.16
CA ARG A 16 6.33 36.94 -4.76
C ARG A 16 5.64 35.59 -4.50
N ALA A 17 4.59 35.61 -3.66
CA ALA A 17 3.75 34.41 -3.44
C ALA A 17 3.38 33.78 -4.77
N GLU A 18 3.05 34.62 -5.75
CA GLU A 18 2.54 34.12 -7.01
C GLU A 18 3.64 33.46 -7.86
N GLU A 19 4.86 34.00 -7.78
CA GLU A 19 5.99 33.40 -8.51
C GLU A 19 6.34 32.05 -7.91
N LEU A 20 6.31 31.97 -6.58
CA LEU A 20 6.55 30.73 -5.81
C LEU A 20 5.50 29.66 -6.13
N LYS A 21 4.25 30.07 -6.34
CA LYS A 21 3.21 29.14 -6.72
C LYS A 21 3.40 28.61 -8.15
N THR A 22 3.87 29.47 -9.05
CA THR A 22 4.21 29.07 -10.43
C THR A 22 5.36 28.05 -10.45
N GLN A 23 6.35 28.26 -9.57
CA GLN A 23 7.48 27.33 -9.44
C GLN A 23 6.96 25.98 -8.89
N ALA A 24 5.96 26.07 -8.01
CA ALA A 24 5.39 24.90 -7.37
C ALA A 24 4.63 24.09 -8.39
N ASN A 25 3.77 24.76 -9.17
CA ASN A 25 3.14 24.16 -10.35
C ASN A 25 4.14 23.45 -11.26
N ASP A 26 5.28 24.10 -11.50
CA ASP A 26 6.39 23.52 -12.31
C ASP A 26 6.91 22.25 -11.66
N TYR A 27 7.30 22.33 -10.39
CA TYR A 27 7.68 21.14 -9.64
C TYR A 27 6.64 20.01 -9.69
N PHE A 28 5.38 20.34 -9.40
CA PHE A 28 4.25 19.40 -9.51
C PHE A 28 4.22 18.65 -10.84
N LYS A 29 4.28 19.41 -11.93
CA LYS A 29 4.16 18.84 -13.27
C LYS A 29 5.31 17.89 -13.62
N ALA A 30 6.47 18.16 -13.02
CA ALA A 30 7.65 17.31 -13.16
C ALA A 30 7.63 16.12 -12.19
N LYS A 31 6.53 15.99 -11.45
CA LYS A 31 6.30 14.90 -10.51
C LYS A 31 7.22 14.92 -9.29
N ASP A 32 7.66 16.13 -8.95
CA ASP A 32 8.55 16.41 -7.83
C ASP A 32 7.67 17.06 -6.76
N TYR A 33 6.86 16.20 -6.13
CA TYR A 33 5.79 16.67 -5.26
C TYR A 33 6.40 17.26 -4.03
N GLU A 34 7.49 16.65 -3.54
CA GLU A 34 8.14 17.14 -2.33
C GLU A 34 8.54 18.63 -2.45
N ASN A 35 9.07 19.03 -3.61
CA ASN A 35 9.39 20.43 -3.88
C ASN A 35 8.14 21.28 -4.15
N ALA A 36 7.19 20.70 -4.90
CA ALA A 36 5.90 21.34 -5.11
C ALA A 36 5.35 21.79 -3.77
N ILE A 37 5.11 20.83 -2.89
CA ILE A 37 4.70 21.11 -1.52
C ILE A 37 5.51 22.23 -0.88
N LYS A 38 6.85 22.15 -0.98
CA LYS A 38 7.69 23.16 -0.36
C LYS A 38 7.46 24.54 -0.96
N PHE A 39 7.36 24.63 -2.28
CA PHE A 39 7.13 25.96 -2.85
C PHE A 39 5.68 26.46 -2.61
N TYR A 40 4.70 25.54 -2.63
CA TYR A 40 3.33 25.97 -2.25
C TYR A 40 3.32 26.49 -0.83
N SER A 41 4.04 25.79 0.05
CA SER A 41 4.09 26.17 1.45
C SER A 41 4.66 27.57 1.64
N GLN A 42 5.69 27.90 0.86
CA GLN A 42 6.30 29.23 0.94
C GLN A 42 5.37 30.29 0.36
N ALA A 43 4.71 29.97 -0.77
CA ALA A 43 3.66 30.82 -1.34
C ALA A 43 2.61 31.17 -0.29
N ILE A 44 2.11 30.15 0.41
CA ILE A 44 1.10 30.26 1.46
C ILE A 44 1.65 31.09 2.62
N GLU A 45 2.92 30.90 2.92
CA GLU A 45 3.58 31.71 3.93
C GLU A 45 3.48 33.21 3.58
N LEU A 46 3.75 33.58 2.34
CA LEU A 46 3.65 34.98 1.91
C LEU A 46 2.18 35.48 1.77
N ASN A 47 1.29 34.64 1.23
CA ASN A 47 -0.11 35.01 1.14
C ASN A 47 -0.93 33.82 1.58
N PRO A 48 -1.36 33.79 2.85
CA PRO A 48 -2.09 32.67 3.45
C PRO A 48 -3.60 32.72 3.16
N SER A 49 -4.01 33.57 2.22
CA SER A 49 -5.43 33.75 1.94
C SER A 49 -5.77 33.65 0.46
N ASN A 50 -5.23 32.61 -0.17
CA ASN A 50 -5.62 32.31 -1.53
C ASN A 50 -6.03 30.85 -1.68
N ALA A 51 -7.29 30.63 -2.10
CA ALA A 51 -7.82 29.29 -2.36
C ALA A 51 -7.00 28.41 -3.37
N ILE A 52 -6.48 29.01 -4.43
CA ILE A 52 -5.75 28.25 -5.43
C ILE A 52 -4.50 27.62 -4.81
N TYR A 53 -3.79 28.39 -3.99
CA TYR A 53 -2.64 27.86 -3.26
C TYR A 53 -2.93 26.61 -2.40
N TYR A 54 -3.89 26.74 -1.51
CA TYR A 54 -4.35 25.60 -0.68
C TYR A 54 -4.85 24.43 -1.53
N GLY A 55 -5.47 24.77 -2.65
CA GLY A 55 -6.07 23.72 -3.52
C GLY A 55 -5.01 22.90 -4.24
N ASN A 56 -4.06 23.59 -4.85
CA ASN A 56 -2.88 22.93 -5.43
C ASN A 56 -2.01 22.17 -4.44
N ARG A 57 -1.82 22.71 -3.25
CA ARG A 57 -1.04 21.96 -2.24
C ARG A 57 -1.84 20.72 -1.74
N SER A 58 -3.16 20.87 -1.56
CA SER A 58 -4.04 19.73 -1.27
C SER A 58 -3.82 18.58 -2.34
N LEU A 59 -3.75 18.94 -3.62
CA LEU A 59 -3.58 17.94 -4.70
C LEU A 59 -2.20 17.26 -4.62
N ALA A 60 -1.17 18.04 -4.27
CA ALA A 60 0.13 17.47 -4.14
C ALA A 60 0.21 16.54 -2.90
N TYR A 61 -0.51 16.88 -1.82
CA TYR A 61 -0.60 15.96 -0.66
C TYR A 61 -1.35 14.71 -1.04
N LEU A 62 -2.41 14.87 -1.86
CA LEU A 62 -3.13 13.67 -2.35
C LEU A 62 -2.18 12.74 -3.15
N ARG A 63 -1.37 13.32 -4.04
CA ARG A 63 -0.42 12.53 -4.88
C ARG A 63 0.59 11.75 -4.07
N THR A 64 0.90 12.27 -2.89
CA THR A 64 1.86 11.65 -2.00
C THR A 64 1.19 10.93 -0.86
N GLU A 65 -0.11 10.64 -1.02
CA GLU A 65 -0.90 9.86 -0.05
C GLU A 65 -0.99 10.49 1.32
N CYS A 66 -0.82 11.79 1.37
CA CYS A 66 -1.00 12.48 2.65
C CYS A 66 -2.46 12.98 2.79
N TYR A 67 -3.40 12.08 3.11
CA TYR A 67 -4.85 12.41 3.02
C TYR A 67 -5.28 13.40 4.04
N GLY A 68 -4.65 13.36 5.21
CA GLY A 68 -5.01 14.27 6.29
C GLY A 68 -4.70 15.70 5.93
N TYR A 69 -3.49 15.89 5.41
CA TYR A 69 -3.06 17.22 5.02
C TYR A 69 -3.82 17.71 3.78
N ALA A 70 -4.12 16.84 2.82
CA ALA A 70 -4.96 17.20 1.68
C ALA A 70 -6.37 17.65 2.12
N LEU A 71 -6.98 16.90 3.04
CA LEU A 71 -8.25 17.24 3.62
C LEU A 71 -8.24 18.66 4.22
N GLY A 72 -7.29 18.95 5.12
CA GLY A 72 -7.21 20.28 5.76
C GLY A 72 -7.01 21.41 4.74
N ASP A 73 -6.14 21.21 3.75
CA ASP A 73 -5.91 22.25 2.74
C ASP A 73 -7.15 22.49 1.87
N ALA A 74 -7.84 21.41 1.49
CA ALA A 74 -9.06 21.49 0.69
C ALA A 74 -10.12 22.27 1.45
N THR A 75 -10.22 22.01 2.74
CA THR A 75 -11.15 22.72 3.59
C THR A 75 -10.80 24.19 3.68
N ARG A 76 -9.54 24.49 3.88
CA ARG A 76 -9.11 25.91 3.89
C ARG A 76 -9.46 26.63 2.56
N ALA A 77 -9.21 25.97 1.44
CA ALA A 77 -9.55 26.51 0.08
C ALA A 77 -11.07 26.83 -0.08
N ILE A 78 -11.90 25.85 0.31
CA ILE A 78 -13.36 25.99 0.34
C ILE A 78 -13.84 27.08 1.31
N GLU A 79 -13.21 27.21 2.47
CA GLU A 79 -13.56 28.28 3.42
C GLU A 79 -13.26 29.69 2.85
N LEU A 80 -12.22 29.78 2.07
CA LEU A 80 -11.87 31.00 1.33
C LEU A 80 -12.84 31.32 0.16
N ASP A 81 -13.15 30.30 -0.61
CA ASP A 81 -13.99 30.46 -1.82
C ASP A 81 -14.91 29.27 -1.98
N LYS A 82 -16.17 29.46 -1.58
CA LYS A 82 -17.19 28.42 -1.73
C LYS A 82 -17.52 27.98 -3.13
N LYS A 83 -17.06 28.72 -4.13
CA LYS A 83 -17.28 28.36 -5.54
C LYS A 83 -16.07 27.69 -6.23
N TYR A 84 -15.03 27.45 -5.47
CA TYR A 84 -13.84 26.80 -5.99
C TYR A 84 -14.08 25.31 -6.08
N ILE A 85 -14.50 24.86 -7.28
CA ILE A 85 -14.98 23.48 -7.50
C ILE A 85 -13.91 22.46 -7.22
N LYS A 86 -12.68 22.78 -7.61
CA LYS A 86 -11.49 21.91 -7.35
C LYS A 86 -11.38 21.52 -5.92
N GLY A 87 -11.61 22.50 -5.04
CA GLY A 87 -11.58 22.34 -3.58
C GLY A 87 -12.46 21.20 -3.17
N TYR A 88 -13.72 21.16 -3.64
CA TYR A 88 -14.62 20.00 -3.35
C TYR A 88 -14.22 18.60 -3.85
N TYR A 89 -13.74 18.48 -5.09
CA TYR A 89 -13.21 17.16 -5.57
C TYR A 89 -12.03 16.62 -4.75
N ARG A 90 -11.11 17.53 -4.44
CA ARG A 90 -9.92 17.15 -3.73
C ARG A 90 -10.27 16.91 -2.28
N ARG A 91 -11.19 17.69 -1.68
CA ARG A 91 -11.72 17.25 -0.38
C ARG A 91 -12.40 15.86 -0.45
N ALA A 92 -13.23 15.61 -1.45
CA ALA A 92 -13.94 14.28 -1.51
C ALA A 92 -12.97 13.08 -1.73
N ALA A 93 -11.96 13.28 -2.55
CA ALA A 93 -10.85 12.28 -2.67
C ALA A 93 -10.20 11.91 -1.32
N SER A 94 -9.83 12.92 -0.54
CA SER A 94 -9.16 12.64 0.71
C SER A 94 -10.06 11.83 1.58
N ASN A 95 -11.35 12.22 1.63
CA ASN A 95 -12.30 11.53 2.49
C ASN A 95 -12.55 10.10 2.02
N MET A 96 -12.55 9.89 0.70
CA MET A 96 -12.69 8.52 0.22
C MET A 96 -11.57 7.62 0.79
N ALA A 97 -10.35 8.15 0.81
CA ALA A 97 -9.20 7.34 1.12
C ALA A 97 -9.19 7.12 2.62
N LEU A 98 -9.86 8.02 3.37
CA LEU A 98 -9.99 7.90 4.81
C LEU A 98 -11.17 7.05 5.29
N GLY A 99 -11.92 6.47 4.34
CA GLY A 99 -13.07 5.66 4.68
C GLY A 99 -14.30 6.50 5.05
N LYS A 100 -14.23 7.81 4.77
CA LYS A 100 -15.32 8.76 5.07
C LYS A 100 -16.17 8.96 3.82
N PHE A 101 -16.85 7.89 3.45
CA PHE A 101 -17.57 7.81 2.17
C PHE A 101 -18.77 8.80 2.11
N ARG A 102 -19.45 9.01 3.23
CA ARG A 102 -20.67 9.87 3.22
C ARG A 102 -20.23 11.34 3.06
N ALA A 103 -19.13 11.69 3.74
CA ALA A 103 -18.53 13.04 3.60
C ALA A 103 -18.16 13.35 2.17
N ALA A 104 -17.63 12.36 1.47
CA ALA A 104 -17.25 12.56 0.09
C ALA A 104 -18.47 12.83 -0.75
N LEU A 105 -19.48 11.98 -0.60
CA LEU A 105 -20.72 12.18 -1.35
C LEU A 105 -21.33 13.58 -1.17
N ARG A 106 -21.32 14.11 0.05
CA ARG A 106 -21.81 15.50 0.29
C ARG A 106 -21.09 16.51 -0.62
N ASP A 107 -19.77 16.40 -0.70
CA ASP A 107 -19.01 17.23 -1.61
C ASP A 107 -19.33 16.92 -3.10
N TYR A 108 -19.31 15.65 -3.53
CA TYR A 108 -19.71 15.41 -4.96
C TYR A 108 -21.12 15.98 -5.23
N GLU A 109 -22.03 15.84 -4.25
CA GLU A 109 -23.39 16.45 -4.34
C GLU A 109 -23.38 17.97 -4.52
N THR A 110 -22.64 18.67 -3.67
CA THR A 110 -22.52 20.14 -3.71
C THR A 110 -22.01 20.58 -5.08
N VAL A 111 -21.17 19.73 -5.70
CA VAL A 111 -20.67 19.98 -7.05
C VAL A 111 -21.77 19.68 -8.11
N VAL A 112 -22.26 18.44 -8.17
CA VAL A 112 -23.24 18.09 -9.23
C VAL A 112 -24.49 19.02 -9.17
N LYS A 113 -24.74 19.57 -7.99
CA LYS A 113 -25.63 20.71 -7.76
C LYS A 113 -25.20 21.97 -8.53
N VAL A 114 -24.07 22.56 -8.16
CA VAL A 114 -23.66 23.85 -8.75
C VAL A 114 -23.44 23.81 -10.29
N LYS A 115 -23.43 22.60 -10.88
CA LYS A 115 -23.76 22.43 -12.30
C LYS A 115 -24.29 21.04 -12.69
N PRO A 116 -25.62 20.97 -12.91
CA PRO A 116 -26.37 19.77 -13.27
C PRO A 116 -25.84 19.13 -14.55
N ASN A 117 -25.22 19.94 -15.40
CA ASN A 117 -24.72 19.49 -16.70
C ASN A 117 -23.51 18.58 -16.63
N ASP A 118 -22.64 18.78 -15.64
CA ASP A 118 -21.31 18.21 -15.68
C ASP A 118 -21.25 16.70 -15.78
N LYS A 119 -20.55 16.25 -16.81
CA LYS A 119 -20.28 14.85 -17.08
C LYS A 119 -19.51 14.22 -15.91
N ASP A 120 -18.38 14.84 -15.59
CA ASP A 120 -17.45 14.41 -14.54
C ASP A 120 -18.12 14.34 -13.14
N ALA A 121 -18.97 15.34 -12.84
CA ALA A 121 -19.61 15.49 -11.53
C ALA A 121 -20.53 14.31 -11.20
N LYS A 122 -21.37 13.96 -12.17
CA LYS A 122 -22.32 12.88 -11.95
C LYS A 122 -21.62 11.54 -11.92
N MET A 123 -20.61 11.34 -12.75
CA MET A 123 -19.89 10.04 -12.75
C MET A 123 -19.29 9.76 -11.37
N LYS A 124 -18.65 10.80 -10.80
CA LYS A 124 -18.03 10.70 -9.48
C LYS A 124 -19.10 10.53 -8.41
N TYR A 125 -20.17 11.32 -8.50
CA TYR A 125 -21.27 11.15 -7.55
C TYR A 125 -21.78 9.67 -7.53
N GLN A 126 -22.08 9.14 -8.72
CA GLN A 126 -22.58 7.77 -8.86
C GLN A 126 -21.58 6.70 -8.35
N GLU A 127 -20.31 6.86 -8.70
CA GLU A 127 -19.25 5.96 -8.28
C GLU A 127 -19.14 6.02 -6.76
N CYS A 128 -19.18 7.24 -6.22
CA CYS A 128 -19.22 7.42 -4.76
C CYS A 128 -20.46 6.73 -4.16
N SER A 129 -21.65 7.00 -4.70
CA SER A 129 -22.85 6.36 -4.11
C SER A 129 -22.81 4.84 -4.15
N LYS A 130 -22.30 4.29 -5.27
CA LYS A 130 -22.13 2.83 -5.45
C LYS A 130 -21.29 2.18 -4.35
N ILE A 131 -20.27 2.90 -3.86
CA ILE A 131 -19.39 2.38 -2.81
C ILE A 131 -20.14 2.51 -1.49
N VAL A 132 -20.75 3.68 -1.33
CA VAL A 132 -21.63 3.95 -0.22
C VAL A 132 -22.68 2.84 -0.15
N LYS A 133 -23.36 2.57 -1.27
CA LYS A 133 -24.46 1.57 -1.30
C LYS A 133 -23.96 0.18 -0.94
N GLN A 134 -22.81 -0.19 -1.51
CA GLN A 134 -22.18 -1.47 -1.23
C GLN A 134 -21.85 -1.58 0.24
N LYS A 135 -21.20 -0.55 0.77
CA LYS A 135 -20.70 -0.63 2.14
C LYS A 135 -21.88 -0.80 3.06
N ALA A 136 -22.97 -0.09 2.76
CA ALA A 136 -24.25 -0.27 3.46
C ALA A 136 -24.58 -1.78 3.55
N PHE A 137 -24.90 -2.40 2.41
CA PHE A 137 -25.02 -3.87 2.28
C PHE A 137 -24.04 -4.59 3.22
N GLU A 138 -22.75 -4.46 2.95
CA GLU A 138 -21.71 -4.92 3.86
C GLU A 138 -21.96 -4.32 5.24
N ARG A 148 -21.32 -16.27 7.88
CA ARG A 148 -20.93 -16.74 6.55
C ARG A 148 -19.60 -16.12 6.06
N SER A 149 -18.90 -16.84 5.17
CA SER A 149 -17.67 -16.40 4.48
C SER A 149 -17.68 -16.83 2.99
N VAL A 150 -17.17 -15.97 2.10
CA VAL A 150 -17.36 -16.15 0.65
C VAL A 150 -17.12 -17.59 0.12
N VAL A 151 -16.09 -18.28 0.65
CA VAL A 151 -15.76 -19.66 0.26
C VAL A 151 -16.97 -20.64 0.25
N ASP A 152 -17.93 -20.41 1.15
CA ASP A 152 -19.07 -21.34 1.31
C ASP A 152 -20.13 -21.22 0.21
N SER A 153 -20.24 -20.04 -0.42
CA SER A 153 -21.12 -19.88 -1.57
C SER A 153 -20.39 -20.17 -2.89
N LEU A 154 -19.18 -20.74 -2.78
CA LEU A 154 -18.36 -21.19 -3.91
C LEU A 154 -18.38 -22.70 -4.00
N ASP A 155 -18.39 -23.23 -5.21
CA ASP A 155 -18.30 -24.68 -5.34
C ASP A 155 -17.10 -25.04 -6.23
N ILE A 156 -15.89 -24.89 -5.68
CA ILE A 156 -14.66 -25.02 -6.47
C ILE A 156 -14.53 -26.37 -7.19
N GLU A 157 -14.79 -27.46 -6.47
CA GLU A 157 -14.77 -28.80 -7.07
C GLU A 157 -15.63 -28.90 -8.36
N SER A 158 -16.77 -28.22 -8.41
CA SER A 158 -17.69 -28.34 -9.56
C SER A 158 -17.19 -27.65 -10.82
N MET A 159 -16.36 -26.63 -10.65
CA MET A 159 -15.79 -25.94 -11.81
C MET A 159 -14.95 -26.85 -12.66
N THR A 160 -14.90 -26.50 -13.93
CA THR A 160 -14.30 -27.34 -14.91
C THR A 160 -13.28 -26.50 -15.66
N ILE A 161 -12.10 -27.06 -15.89
CA ILE A 161 -11.08 -26.39 -16.72
C ILE A 161 -11.29 -26.80 -18.20
N GLU A 162 -11.62 -25.84 -19.06
CA GLU A 162 -11.91 -26.14 -20.49
C GLU A 162 -10.67 -26.75 -21.17
N ASP A 163 -10.90 -27.83 -21.92
CA ASP A 163 -9.87 -28.60 -22.61
C ASP A 163 -8.82 -27.74 -23.29
N GLU A 164 -9.25 -26.59 -23.80
CA GLU A 164 -8.40 -25.75 -24.63
C GLU A 164 -7.56 -24.74 -23.83
N TYR A 165 -7.67 -24.75 -22.50
CA TYR A 165 -6.79 -23.95 -21.63
C TYR A 165 -5.44 -24.63 -21.50
N SER A 166 -4.39 -23.94 -21.93
CA SER A 166 -3.05 -24.53 -21.94
C SER A 166 -2.07 -23.86 -20.95
N GLY A 167 -2.58 -22.97 -20.09
CA GLY A 167 -1.74 -22.37 -19.05
C GLY A 167 -1.53 -23.30 -17.85
N PRO A 168 -0.86 -22.78 -16.78
CA PRO A 168 -0.51 -23.56 -15.58
C PRO A 168 -1.70 -24.17 -14.82
N LYS A 169 -1.49 -25.37 -14.27
CA LYS A 169 -2.48 -26.04 -13.42
C LYS A 169 -1.75 -26.61 -12.24
N LEU A 170 -2.44 -26.75 -11.11
CA LEU A 170 -1.86 -27.35 -9.89
C LEU A 170 -1.67 -28.83 -10.14
N GLU A 171 -0.67 -29.42 -9.48
CA GLU A 171 -0.39 -30.86 -9.56
C GLU A 171 -1.22 -31.50 -8.47
N ASP A 172 -2.41 -31.97 -8.84
CA ASP A 172 -3.39 -32.53 -7.91
C ASP A 172 -3.66 -31.61 -6.74
N GLY A 173 -4.06 -30.37 -7.06
CA GLY A 173 -4.40 -29.34 -6.06
C GLY A 173 -3.21 -28.66 -5.41
N LYS A 174 -2.02 -29.23 -5.60
CA LYS A 174 -0.81 -28.82 -4.91
C LYS A 174 0.02 -27.82 -5.74
N VAL A 175 0.49 -26.76 -5.09
CA VAL A 175 1.48 -25.87 -5.72
C VAL A 175 2.83 -26.58 -5.70
N THR A 176 3.60 -26.48 -6.79
CA THR A 176 5.00 -26.99 -6.82
C THR A 176 5.90 -25.91 -7.41
N ILE A 177 7.24 -26.14 -7.37
CA ILE A 177 8.19 -25.27 -8.05
C ILE A 177 7.99 -25.24 -9.57
N THR A 178 7.45 -26.30 -10.17
CA THR A 178 7.28 -26.26 -11.63
C THR A 178 6.05 -25.43 -11.97
N PHE A 179 5.04 -25.57 -11.12
CA PHE A 179 3.88 -24.72 -11.31
C PHE A 179 4.29 -23.22 -11.20
N MET A 180 5.09 -22.88 -10.18
CA MET A 180 5.49 -21.46 -9.96
C MET A 180 6.24 -20.89 -11.16
N LYS A 181 7.13 -21.70 -11.74
CA LYS A 181 7.93 -21.29 -12.88
C LYS A 181 7.09 -21.09 -14.16
N ASP A 182 6.15 -21.96 -14.41
CA ASP A 182 5.25 -21.73 -15.55
C ASP A 182 4.30 -20.54 -15.30
N LEU A 183 3.84 -20.42 -14.07
CA LEU A 183 2.95 -19.27 -13.71
C LEU A 183 3.65 -17.92 -14.05
N MET A 184 4.91 -17.80 -13.62
CA MET A 184 5.71 -16.58 -13.80
C MET A 184 5.89 -16.24 -15.30
N GLN A 185 6.08 -17.30 -16.09
CA GLN A 185 6.24 -17.20 -17.53
C GLN A 185 4.97 -16.73 -18.21
N TRP A 186 3.88 -17.40 -17.83
CA TRP A 186 2.53 -17.15 -18.30
C TRP A 186 2.17 -15.71 -18.03
N TYR A 187 2.49 -15.27 -16.83
CA TYR A 187 2.18 -13.88 -16.49
C TYR A 187 3.01 -12.86 -17.22
N LYS A 188 4.25 -13.26 -17.53
CA LYS A 188 5.16 -12.40 -18.24
C LYS A 188 4.58 -12.14 -19.63
N ASP A 189 3.93 -13.16 -20.21
CA ASP A 189 3.28 -13.04 -21.51
C ASP A 189 1.88 -12.44 -21.42
N GLN A 190 1.54 -11.86 -20.27
CA GLN A 190 0.25 -11.19 -20.00
C GLN A 190 -0.95 -12.11 -20.15
N LYS A 191 -0.81 -13.35 -19.70
CA LYS A 191 -1.92 -14.27 -19.78
C LYS A 191 -2.45 -14.56 -18.41
N LYS A 192 -3.67 -15.07 -18.36
CA LYS A 192 -4.47 -15.18 -17.16
C LYS A 192 -4.52 -16.61 -16.62
N LEU A 193 -4.28 -16.78 -15.32
CA LEU A 193 -4.41 -18.09 -14.70
C LEU A 193 -5.89 -18.43 -14.61
N HIS A 194 -6.25 -19.63 -15.07
CA HIS A 194 -7.63 -20.11 -15.02
C HIS A 194 -8.18 -19.86 -13.64
N ARG A 195 -9.44 -19.43 -13.59
CA ARG A 195 -10.05 -19.11 -12.31
C ARG A 195 -10.08 -20.26 -11.30
N LYS A 196 -10.16 -21.50 -11.79
CA LYS A 196 -10.23 -22.61 -10.86
C LYS A 196 -8.97 -22.65 -10.03
N CYS A 197 -7.82 -22.60 -10.73
CA CYS A 197 -6.51 -22.53 -10.06
C CYS A 197 -6.41 -21.35 -9.11
N ALA A 198 -6.85 -20.18 -9.57
CA ALA A 198 -6.77 -19.00 -8.72
C ALA A 198 -7.52 -19.29 -7.41
N TYR A 199 -8.76 -19.78 -7.52
CA TYR A 199 -9.57 -20.16 -6.33
C TYR A 199 -8.90 -21.11 -5.35
N GLN A 200 -8.31 -22.18 -5.86
CA GLN A 200 -7.63 -23.15 -5.00
C GLN A 200 -6.44 -22.52 -4.21
N ILE A 201 -5.66 -21.68 -4.90
CA ILE A 201 -4.49 -20.99 -4.29
C ILE A 201 -5.05 -20.20 -3.11
N LEU A 202 -6.10 -19.43 -3.36
CA LEU A 202 -6.66 -18.54 -2.36
C LEU A 202 -7.11 -19.33 -1.11
N VAL A 203 -7.78 -20.45 -1.33
CA VAL A 203 -8.41 -21.19 -0.25
C VAL A 203 -7.36 -21.80 0.65
N GLN A 204 -6.39 -22.46 0.03
CA GLN A 204 -5.28 -23.02 0.78
C GLN A 204 -4.51 -21.92 1.50
N VAL A 205 -4.27 -20.80 0.81
CA VAL A 205 -3.38 -19.82 1.41
C VAL A 205 -4.14 -19.22 2.62
N LYS A 206 -5.46 -19.08 2.52
CA LYS A 206 -6.24 -18.67 3.69
C LYS A 206 -6.03 -19.61 4.88
N GLU A 207 -5.96 -20.89 4.57
CA GLU A 207 -5.82 -21.93 5.60
C GLU A 207 -4.46 -21.82 6.33
N VAL A 208 -3.40 -21.67 5.53
CA VAL A 208 -2.08 -21.43 6.07
C VAL A 208 -2.07 -20.16 6.95
N LEU A 209 -2.57 -19.03 6.43
CA LEU A 209 -2.36 -17.76 7.15
C LEU A 209 -3.15 -17.75 8.42
N CYS A 210 -4.36 -18.33 8.39
CA CYS A 210 -5.27 -18.19 9.53
C CYS A 210 -4.76 -18.91 10.77
N LYS A 211 -3.77 -19.78 10.57
CA LYS A 211 -2.99 -20.42 11.62
C LYS A 211 -1.89 -19.54 12.24
N LEU A 212 -1.46 -18.46 11.56
CA LEU A 212 -0.26 -17.77 12.06
C LEU A 212 -0.58 -16.86 13.22
N SER A 213 0.41 -16.64 14.08
CA SER A 213 0.31 -15.57 15.07
C SER A 213 0.26 -14.20 14.37
N THR A 214 -0.31 -13.20 15.06
CA THR A 214 -0.39 -11.83 14.53
C THR A 214 1.05 -11.26 14.41
N LEU A 215 1.90 -11.74 15.32
CA LEU A 215 3.35 -11.52 15.28
C LEU A 215 4.13 -12.78 14.92
N VAL A 216 4.66 -12.83 13.69
CA VAL A 216 5.46 -13.95 13.22
C VAL A 216 6.86 -13.88 13.82
N GLU A 217 7.37 -15.03 14.28
CA GLU A 217 8.70 -15.05 14.90
C GLU A 217 9.66 -15.97 14.19
N THR A 218 10.82 -15.42 13.85
CA THR A 218 11.79 -16.13 13.05
C THR A 218 13.10 -16.12 13.81
N THR A 219 13.77 -17.27 13.78
CA THR A 219 15.13 -17.41 14.31
C THR A 219 16.06 -17.63 13.12
N LEU A 220 17.07 -16.79 12.99
CA LEU A 220 18.02 -16.98 11.94
C LEU A 220 19.32 -17.48 12.58
N LYS A 221 19.76 -18.69 12.21
CA LYS A 221 21.03 -19.24 12.74
C LYS A 221 22.22 -18.51 12.14
N GLU A 222 23.39 -18.72 12.73
CA GLU A 222 24.57 -17.95 12.36
C GLU A 222 24.77 -17.92 10.84
N THR A 223 24.44 -19.03 10.19
CA THR A 223 24.82 -19.22 8.81
C THR A 223 23.70 -18.82 7.85
N GLU A 224 22.54 -18.46 8.40
CA GLU A 224 21.35 -18.22 7.57
C GLU A 224 21.15 -16.75 7.14
N LYS A 225 20.47 -16.54 6.01
CA LYS A 225 20.15 -15.18 5.57
C LYS A 225 18.65 -15.04 5.37
N ILE A 226 18.19 -13.80 5.31
CA ILE A 226 16.78 -13.52 4.92
C ILE A 226 16.76 -12.21 4.14
N THR A 227 15.93 -12.16 3.10
CA THR A 227 15.74 -10.94 2.29
C THR A 227 14.42 -10.23 2.70
N VAL A 228 14.51 -8.93 2.98
CA VAL A 228 13.31 -8.13 3.28
C VAL A 228 13.05 -7.20 2.11
N CYS A 229 11.87 -7.33 1.48
CA CYS A 229 11.44 -6.36 0.49
C CYS A 229 10.34 -5.47 1.05
N GLY A 230 10.27 -4.25 0.51
CA GLY A 230 9.19 -3.32 0.83
C GLY A 230 8.06 -3.40 -0.18
N ASP A 231 7.27 -2.33 -0.24
CA ASP A 231 6.08 -2.28 -1.13
C ASP A 231 6.47 -2.70 -2.54
N THR A 232 5.58 -3.38 -3.24
CA THR A 232 5.79 -3.73 -4.66
C THR A 232 4.65 -3.23 -5.59
N HIS A 233 3.49 -2.95 -4.99
CA HIS A 233 2.39 -2.18 -5.67
C HIS A 233 2.11 -2.59 -7.11
N GLY A 234 1.84 -3.87 -7.31
CA GLY A 234 1.50 -4.48 -8.61
C GLY A 234 2.50 -4.31 -9.74
N GLN A 235 3.79 -4.06 -9.40
CA GLN A 235 4.82 -3.89 -10.43
C GLN A 235 5.38 -5.26 -10.75
N PHE A 236 4.58 -6.05 -11.47
CA PHE A 236 4.93 -7.46 -11.66
C PHE A 236 6.29 -7.69 -12.28
N TYR A 237 6.61 -6.90 -13.31
CA TYR A 237 7.88 -7.06 -14.01
C TYR A 237 9.08 -6.69 -13.14
N ASP A 238 8.92 -5.70 -12.25
CA ASP A 238 9.92 -5.47 -11.20
C ASP A 238 10.03 -6.58 -10.16
N LEU A 239 8.90 -7.18 -9.80
CA LEU A 239 8.95 -8.33 -8.86
C LEU A 239 9.75 -9.50 -9.47
N LEU A 240 9.62 -9.71 -10.77
CA LEU A 240 10.43 -10.79 -11.38
C LEU A 240 11.91 -10.40 -11.34
N ASN A 241 12.19 -9.11 -11.45
CA ASN A 241 13.58 -8.64 -11.41
C ASN A 241 14.24 -8.89 -10.05
N ILE A 242 13.45 -8.77 -8.99
CA ILE A 242 13.91 -9.11 -7.62
C ILE A 242 14.36 -10.58 -7.65
N PHE A 243 13.51 -11.47 -8.14
CA PHE A 243 13.84 -12.90 -8.17
C PHE A 243 15.03 -13.26 -9.06
N GLU A 244 15.27 -12.52 -10.15
CA GLU A 244 16.42 -12.78 -11.00
C GLU A 244 17.67 -12.27 -10.39
N LEU A 245 17.58 -11.11 -9.75
CA LEU A 245 18.67 -10.46 -9.12
C LEU A 245 19.00 -11.05 -7.76
N ASN A 246 18.04 -11.68 -7.09
CA ASN A 246 18.34 -12.14 -5.72
C ASN A 246 18.03 -13.62 -5.49
N GLY A 247 17.61 -14.29 -6.56
CA GLY A 247 17.24 -15.69 -6.46
C GLY A 247 15.77 -15.88 -6.26
N LEU A 248 15.26 -17.01 -6.78
CA LEU A 248 13.93 -17.50 -6.43
C LEU A 248 13.92 -17.78 -4.94
N PRO A 249 12.74 -17.63 -4.31
CA PRO A 249 12.65 -18.09 -2.92
C PRO A 249 12.90 -19.59 -2.87
N SER A 250 13.40 -20.05 -1.74
CA SER A 250 13.38 -21.46 -1.43
C SER A 250 13.69 -21.51 0.03
N GLU A 251 13.88 -22.72 0.55
CA GLU A 251 14.20 -22.92 1.95
C GLU A 251 15.60 -22.39 2.31
N THR A 252 16.42 -22.07 1.32
CA THR A 252 17.73 -21.44 1.62
C THR A 252 17.86 -19.99 1.14
N ASN A 253 16.72 -19.39 0.84
CA ASN A 253 16.70 -18.01 0.33
C ASN A 253 15.32 -17.49 0.74
N PRO A 254 15.08 -17.39 2.07
CA PRO A 254 13.79 -16.92 2.57
C PRO A 254 13.53 -15.42 2.26
N TYR A 255 12.26 -15.03 2.29
CA TYR A 255 11.85 -13.66 1.93
C TYR A 255 10.78 -13.20 2.91
N ILE A 256 10.77 -11.90 3.19
CA ILE A 256 9.65 -11.23 3.84
C ILE A 256 9.25 -10.11 2.87
N PHE A 257 7.93 -10.03 2.58
CA PHE A 257 7.38 -8.98 1.70
C PHE A 257 6.47 -8.23 2.65
N ASN A 258 6.93 -7.02 2.97
CA ASN A 258 6.46 -6.17 4.04
C ASN A 258 5.32 -5.28 3.50
N GLY A 259 4.37 -5.93 2.86
CA GLY A 259 3.03 -5.31 2.60
C GLY A 259 2.91 -4.56 1.30
N ASP A 260 1.70 -4.08 1.01
CA ASP A 260 1.47 -3.33 -0.19
C ASP A 260 1.95 -4.04 -1.47
N PHE A 261 1.41 -5.23 -1.66
CA PHE A 261 1.64 -6.01 -2.87
C PHE A 261 0.88 -5.55 -4.08
N VAL A 262 -0.25 -4.88 -3.82
CA VAL A 262 -1.21 -4.53 -4.86
C VAL A 262 -1.53 -3.02 -4.82
N ASP A 263 -2.33 -2.58 -5.79
CA ASP A 263 -2.72 -1.19 -6.03
C ASP A 263 -1.70 -0.40 -6.74
N ARG A 264 -2.25 0.60 -7.45
CA ARG A 264 -1.49 1.53 -8.25
C ARG A 264 -0.97 0.83 -9.50
N GLY A 265 -0.06 -0.11 -9.31
CA GLY A 265 0.39 -0.91 -10.43
C GLY A 265 -0.67 -1.79 -11.08
N SER A 266 -0.62 -1.91 -12.42
CA SER A 266 -1.70 -2.53 -13.15
C SER A 266 -1.44 -3.98 -13.46
N PHE A 267 -0.52 -4.59 -12.72
CA PHE A 267 -0.33 -6.03 -12.76
C PHE A 267 -0.42 -6.61 -11.35
N SER A 268 -1.37 -6.07 -10.56
CA SER A 268 -1.55 -6.48 -9.18
C SER A 268 -2.05 -7.90 -8.98
N VAL A 269 -2.91 -8.36 -9.84
CA VAL A 269 -3.37 -9.78 -9.77
C VAL A 269 -2.16 -10.73 -9.97
N GLU A 270 -1.32 -10.43 -10.98
CA GLU A 270 -0.10 -11.26 -11.21
C GLU A 270 0.87 -11.26 -9.98
N VAL A 271 1.16 -10.07 -9.44
CA VAL A 271 1.97 -10.02 -8.21
C VAL A 271 1.40 -10.89 -7.06
N ILE A 272 0.14 -10.71 -6.69
CA ILE A 272 -0.39 -11.32 -5.48
C ILE A 272 -0.55 -12.86 -5.57
N LEU A 273 -0.94 -13.35 -6.74
CA LEU A 273 -1.06 -14.80 -6.90
C LEU A 273 0.35 -15.44 -6.96
N THR A 274 1.34 -14.74 -7.52
CA THR A 274 2.76 -15.26 -7.43
C THR A 274 3.21 -15.35 -5.97
N LEU A 275 3.07 -14.25 -5.23
CA LEU A 275 3.42 -14.28 -3.80
C LEU A 275 2.66 -15.34 -2.99
N PHE A 276 1.37 -15.50 -3.24
CA PHE A 276 0.56 -16.48 -2.50
C PHE A 276 1.02 -17.92 -2.81
N GLY A 277 1.26 -18.15 -4.10
CA GLY A 277 1.82 -19.42 -4.54
C GLY A 277 3.11 -19.79 -3.83
N PHE A 278 4.05 -18.84 -3.78
CA PHE A 278 5.28 -19.09 -3.07
C PHE A 278 5.10 -19.28 -1.57
N LYS A 279 4.09 -18.63 -1.01
CA LYS A 279 3.79 -18.83 0.41
C LYS A 279 3.30 -20.28 0.65
N LEU A 280 2.62 -20.87 -0.34
CA LEU A 280 2.09 -22.23 -0.16
C LEU A 280 3.25 -23.19 -0.32
N LEU A 281 4.11 -22.89 -1.29
CA LEU A 281 5.28 -23.72 -1.58
C LEU A 281 6.33 -23.73 -0.47
N TYR A 282 6.70 -22.58 0.06
CA TYR A 282 7.65 -22.56 1.17
C TYR A 282 7.06 -21.88 2.38
N PRO A 283 6.05 -22.49 3.00
CA PRO A 283 5.27 -21.77 4.02
C PRO A 283 6.06 -21.28 5.23
N ASP A 284 7.20 -21.91 5.54
CA ASP A 284 8.01 -21.50 6.70
C ASP A 284 9.15 -20.56 6.39
N HIS A 285 9.36 -20.29 5.09
CA HIS A 285 10.46 -19.43 4.65
C HIS A 285 10.03 -18.32 3.68
N PHE A 286 8.73 -18.12 3.51
CA PHE A 286 8.24 -17.06 2.62
C PHE A 286 7.09 -16.37 3.35
N HIS A 287 7.32 -15.13 3.77
CA HIS A 287 6.47 -14.48 4.75
C HIS A 287 5.93 -13.25 4.16
N LEU A 288 4.64 -13.03 4.42
CA LEU A 288 3.92 -11.90 3.87
C LEU A 288 3.30 -11.18 5.06
N LEU A 289 3.53 -9.88 5.15
CA LEU A 289 3.02 -9.06 6.24
C LEU A 289 2.00 -8.12 5.62
N ARG A 290 0.95 -7.83 6.37
CA ARG A 290 -0.12 -6.98 5.81
C ARG A 290 0.37 -5.53 5.68
N GLY A 291 0.02 -4.84 4.57
CA GLY A 291 0.24 -3.38 4.44
C GLY A 291 -1.16 -2.68 4.45
N ASN A 292 -1.16 -1.35 4.47
CA ASN A 292 -2.36 -0.53 4.35
C ASN A 292 -3.09 -0.78 3.00
N HIS A 293 -2.36 -1.14 1.94
CA HIS A 293 -3.03 -1.60 0.74
C HIS A 293 -3.49 -3.01 0.65
N GLU A 294 -3.43 -3.78 1.74
CA GLU A 294 -4.19 -5.02 1.80
C GLU A 294 -5.48 -4.79 2.61
N THR A 295 -6.26 -3.83 2.14
CA THR A 295 -7.47 -3.34 2.82
C THR A 295 -8.50 -2.87 1.78
N ASP A 296 -9.78 -2.93 2.13
CA ASP A 296 -10.84 -2.47 1.21
C ASP A 296 -10.83 -0.99 0.82
N ASN A 297 -10.64 -0.11 1.80
CA ASN A 297 -10.70 1.33 1.54
C ASN A 297 -9.67 1.74 0.51
N MET A 298 -8.54 1.03 0.52
CA MET A 298 -7.55 1.32 -0.47
C MET A 298 -7.86 0.59 -1.76
N ASN A 299 -8.24 -0.68 -1.70
CA ASN A 299 -8.38 -1.42 -2.93
C ASN A 299 -9.52 -0.84 -3.82
N GLN A 300 -10.55 -0.19 -3.23
CA GLN A 300 -11.72 0.22 -4.04
C GLN A 300 -11.40 1.50 -4.81
N ILE A 301 -10.35 2.19 -4.39
CA ILE A 301 -9.91 3.42 -5.00
C ILE A 301 -8.68 3.29 -5.91
N TYR A 302 -7.82 2.32 -5.62
CA TYR A 302 -6.47 2.40 -6.20
C TYR A 302 -6.14 1.34 -7.25
N GLY A 303 -7.13 0.58 -7.66
CA GLY A 303 -6.92 -0.28 -8.81
C GLY A 303 -7.17 -1.75 -8.59
N PHE A 304 -6.86 -2.28 -7.38
CA PHE A 304 -6.92 -3.75 -7.18
C PHE A 304 -8.32 -4.32 -7.33
N GLU A 305 -9.27 -3.71 -6.65
CA GLU A 305 -10.62 -4.24 -6.75
C GLU A 305 -11.09 -4.19 -8.20
N GLY A 306 -10.83 -3.09 -8.90
CA GLY A 306 -11.17 -3.00 -10.34
C GLY A 306 -10.40 -4.00 -11.22
N GLU A 307 -9.15 -4.24 -10.90
CA GLU A 307 -8.37 -5.19 -11.72
C GLU A 307 -8.91 -6.62 -11.51
N VAL A 308 -9.20 -6.98 -10.27
CA VAL A 308 -9.70 -8.33 -10.06
C VAL A 308 -11.12 -8.49 -10.71
N LYS A 309 -11.96 -7.44 -10.66
CA LYS A 309 -13.32 -7.56 -11.23
C LYS A 309 -13.27 -7.69 -12.75
N ALA A 310 -12.35 -6.92 -13.36
CA ALA A 310 -12.09 -6.99 -14.79
C ALA A 310 -11.67 -8.38 -15.19
N LYS A 311 -10.64 -8.89 -14.51
CA LYS A 311 -10.07 -10.18 -14.90
C LYS A 311 -10.89 -11.38 -14.38
N TYR A 312 -11.54 -11.24 -13.23
CA TYR A 312 -12.31 -12.36 -12.68
C TYR A 312 -13.74 -12.03 -12.27
N THR A 313 -14.09 -12.11 -10.99
CA THR A 313 -15.45 -11.71 -10.57
C THR A 313 -15.37 -10.83 -9.35
N ALA A 314 -16.49 -10.18 -9.01
CA ALA A 314 -16.63 -9.58 -7.68
C ALA A 314 -16.43 -10.61 -6.56
N GLN A 315 -16.85 -11.85 -6.79
CA GLN A 315 -16.66 -12.88 -5.76
C GLN A 315 -15.20 -13.23 -5.49
N MET A 316 -14.40 -13.30 -6.56
CA MET A 316 -12.93 -13.48 -6.41
C MET A 316 -12.39 -12.34 -5.52
N TYR A 317 -12.80 -11.11 -5.82
CA TYR A 317 -12.32 -9.97 -5.03
C TYR A 317 -12.66 -10.09 -3.54
N GLU A 318 -13.89 -10.51 -3.23
CA GLU A 318 -14.30 -10.67 -1.85
C GLU A 318 -13.46 -11.74 -1.18
N LEU A 319 -13.15 -12.80 -1.89
CA LEU A 319 -12.19 -13.79 -1.36
C LEU A 319 -10.77 -13.22 -1.08
N PHE A 320 -10.19 -12.46 -1.99
CA PHE A 320 -8.89 -11.79 -1.75
C PHE A 320 -8.93 -10.95 -0.50
N SER A 321 -10.02 -10.15 -0.38
CA SER A 321 -10.27 -9.29 0.77
C SER A 321 -10.22 -10.09 2.08
N GLU A 322 -10.86 -11.26 2.11
CA GLU A 322 -10.90 -12.10 3.34
C GLU A 322 -9.59 -12.78 3.63
N VAL A 323 -8.86 -13.15 2.59
CA VAL A 323 -7.52 -13.66 2.88
C VAL A 323 -6.63 -12.56 3.47
N PHE A 324 -6.69 -11.34 2.91
CA PHE A 324 -5.80 -10.25 3.32
C PHE A 324 -5.98 -10.10 4.84
N GLU A 325 -7.18 -10.44 5.34
CA GLU A 325 -7.53 -10.22 6.75
C GLU A 325 -6.80 -11.11 7.72
N TRP A 326 -6.27 -12.22 7.20
CA TRP A 326 -5.46 -13.16 7.99
C TRP A 326 -3.97 -12.93 7.86
N LEU A 327 -3.57 -11.97 7.02
CA LEU A 327 -2.13 -11.65 6.88
C LEU A 327 -1.62 -11.22 8.23
N PRO A 328 -0.47 -11.78 8.68
CA PRO A 328 0.07 -11.26 9.95
C PRO A 328 0.50 -9.76 9.82
N LEU A 329 0.65 -9.11 10.95
CA LEU A 329 0.87 -7.66 11.01
C LEU A 329 2.33 -7.25 11.25
N ALA A 330 3.15 -8.15 11.83
CA ALA A 330 4.55 -7.82 12.11
C ALA A 330 5.35 -9.13 12.24
N GLN A 331 6.66 -8.99 12.10
CA GLN A 331 7.57 -10.14 12.21
C GLN A 331 8.80 -9.75 12.98
N CYS A 332 9.23 -10.64 13.89
CA CYS A 332 10.39 -10.37 14.74
C CYS A 332 11.51 -11.39 14.49
N ILE A 333 12.70 -10.91 14.16
CA ILE A 333 13.85 -11.79 13.90
C ILE A 333 14.83 -11.83 15.10
N ASN A 334 15.10 -13.04 15.55
CA ASN A 334 15.92 -13.29 16.75
C ASN A 334 15.61 -12.40 17.93
N GLY A 335 14.36 -12.03 18.19
CA GLY A 335 14.09 -11.05 19.26
C GLY A 335 14.84 -9.70 19.19
N LYS A 336 15.35 -9.33 18.02
CA LYS A 336 16.16 -8.09 17.93
C LYS A 336 15.71 -7.05 16.87
N VAL A 337 15.12 -7.51 15.77
CA VAL A 337 14.67 -6.60 14.70
C VAL A 337 13.17 -6.81 14.50
N LEU A 338 12.41 -5.71 14.47
CA LEU A 338 10.95 -5.84 14.40
C LEU A 338 10.60 -5.20 13.06
N ILE A 339 9.79 -5.91 12.27
CA ILE A 339 9.45 -5.55 10.89
C ILE A 339 7.91 -5.36 10.84
N MET A 340 7.42 -4.20 10.38
CA MET A 340 5.96 -3.95 10.13
C MET A 340 5.81 -3.02 8.93
N HIS A 341 4.65 -3.01 8.26
CA HIS A 341 4.54 -2.15 7.07
C HIS A 341 4.68 -0.70 7.43
N GLY A 342 3.95 -0.27 8.45
CA GLY A 342 3.84 1.16 8.79
C GLY A 342 4.90 1.60 9.79
N GLY A 343 4.59 1.48 11.08
CA GLY A 343 5.58 1.92 12.09
C GLY A 343 5.08 1.63 13.47
N LEU A 344 5.42 2.52 14.39
CA LEU A 344 5.16 2.36 15.83
C LEU A 344 3.90 3.12 16.28
N PHE A 345 3.73 3.27 17.59
CA PHE A 345 2.39 3.40 18.12
C PHE A 345 2.01 4.77 18.57
N SER A 346 0.70 5.02 18.60
CA SER A 346 0.14 6.28 19.00
C SER A 346 0.22 6.45 20.52
N GLU A 347 0.41 5.34 21.21
CA GLU A 347 0.31 5.24 22.66
C GLU A 347 1.63 4.67 23.16
N ASP A 348 2.08 5.09 24.34
CA ASP A 348 3.23 4.45 24.98
C ASP A 348 2.92 3.11 25.64
N GLY A 349 3.95 2.31 25.84
CA GLY A 349 3.82 1.06 26.58
C GLY A 349 3.36 -0.19 25.85
N VAL A 350 3.17 -0.07 24.53
CA VAL A 350 2.81 -1.23 23.69
C VAL A 350 3.94 -2.23 23.70
N THR A 351 3.62 -3.50 23.92
CA THR A 351 4.64 -4.53 23.95
C THR A 351 4.54 -5.47 22.76
N LEU A 352 5.57 -6.30 22.56
CA LEU A 352 5.50 -7.36 21.58
C LEU A 352 4.38 -8.33 21.89
N ASP A 353 4.09 -8.57 23.17
CA ASP A 353 3.01 -9.47 23.51
C ASP A 353 1.68 -8.86 23.05
N ASP A 354 1.56 -7.53 23.14
CA ASP A 354 0.34 -6.83 22.74
C ASP A 354 0.06 -6.99 21.26
N ILE A 355 1.12 -7.06 20.49
CA ILE A 355 1.02 -7.24 19.03
C ILE A 355 0.56 -8.68 18.78
N ARG A 356 1.20 -9.63 19.47
CA ARG A 356 0.83 -11.05 19.37
C ARG A 356 -0.67 -11.27 19.68
N LYS A 357 -1.19 -10.47 20.60
CA LYS A 357 -2.59 -10.54 21.04
C LYS A 357 -3.60 -9.79 20.13
N ILE A 358 -3.14 -9.02 19.15
CA ILE A 358 -4.10 -8.28 18.33
C ILE A 358 -4.99 -9.27 17.59
N GLU A 359 -6.31 -9.02 17.62
CA GLU A 359 -7.28 -9.75 16.81
C GLU A 359 -7.25 -9.11 15.43
N ARG A 360 -6.58 -9.75 14.50
CA ARG A 360 -6.24 -9.09 13.23
C ARG A 360 -7.27 -9.30 12.13
N ASN A 361 -8.19 -10.24 12.30
CA ASN A 361 -9.02 -10.66 11.15
C ASN A 361 -10.16 -9.73 10.88
N ARG A 362 -9.85 -8.58 10.29
CA ARG A 362 -10.85 -7.55 10.08
C ARG A 362 -10.22 -6.48 9.26
N GLN A 363 -10.99 -5.46 8.98
CA GLN A 363 -10.38 -4.27 8.39
C GLN A 363 -9.73 -3.55 9.56
N PRO A 364 -8.71 -2.72 9.32
CA PRO A 364 -8.12 -2.12 10.53
C PRO A 364 -9.07 -1.09 11.15
N PRO A 365 -9.05 -0.92 12.49
CA PRO A 365 -9.87 0.16 13.02
C PRO A 365 -9.31 1.53 12.62
N ASP A 366 -10.05 2.58 12.95
CA ASP A 366 -9.66 3.96 12.65
C ASP A 366 -8.48 4.42 13.48
N SER A 367 -8.25 3.78 14.63
CA SER A 367 -7.05 4.03 15.45
C SER A 367 -6.69 2.81 16.30
N GLY A 368 -5.50 2.80 16.89
CA GLY A 368 -5.18 1.72 17.78
C GLY A 368 -4.01 0.99 17.17
N PRO A 369 -3.46 0.03 17.90
CA PRO A 369 -2.19 -0.65 17.52
C PRO A 369 -2.22 -1.29 16.13
N MET A 370 -3.35 -1.88 15.77
CA MET A 370 -3.45 -2.52 14.46
C MET A 370 -3.37 -1.46 13.35
N CYS A 371 -4.09 -0.36 13.57
CA CYS A 371 -4.01 0.77 12.64
C CYS A 371 -2.57 1.36 12.54
N ASP A 372 -1.89 1.57 13.67
CA ASP A 372 -0.53 2.11 13.67
C ASP A 372 0.46 1.19 12.93
N LEU A 373 0.36 -0.12 13.14
CA LEU A 373 1.27 -1.04 12.44
C LEU A 373 1.19 -0.94 10.93
N LEU A 374 -0.01 -0.68 10.42
CA LEU A 374 -0.21 -0.48 8.95
C LEU A 374 0.06 0.88 8.39
N TRP A 375 -0.06 1.92 9.22
CA TRP A 375 -0.15 3.33 8.75
C TRP A 375 0.87 4.32 9.24
N SER A 376 1.50 4.13 10.39
CA SER A 376 2.29 5.20 10.98
C SER A 376 3.60 5.49 10.19
N ASP A 377 4.15 6.71 10.36
CA ASP A 377 5.45 7.14 9.75
C ASP A 377 6.35 7.74 10.80
N PRO A 378 7.67 7.64 10.62
CA PRO A 378 8.57 8.34 11.51
C PRO A 378 8.53 9.82 11.18
N GLN A 379 8.89 10.67 12.16
CA GLN A 379 9.06 12.09 11.92
C GLN A 379 10.39 12.39 12.57
N PRO A 380 11.07 13.46 12.14
CA PRO A 380 12.41 13.70 12.70
C PRO A 380 12.39 14.39 14.07
N GLN A 381 11.34 15.16 14.39
CA GLN A 381 11.35 15.82 15.68
C GLN A 381 10.81 14.84 16.73
N ASN A 382 11.13 15.09 18.01
CA ASN A 382 10.61 14.30 19.11
C ASN A 382 9.12 14.42 19.23
N GLY A 383 8.57 13.37 19.81
CA GLY A 383 7.15 13.28 20.14
C GLY A 383 6.28 12.56 19.13
N ARG A 384 5.03 12.98 19.10
CA ARG A 384 4.05 12.39 18.24
C ARG A 384 3.22 13.50 17.68
N SER A 385 2.82 13.35 16.42
CA SER A 385 1.89 14.27 15.78
C SER A 385 0.78 13.40 15.20
N VAL A 386 -0.39 13.99 14.96
CA VAL A 386 -1.40 13.34 14.12
C VAL A 386 -0.78 13.19 12.74
N SER A 387 -0.96 12.03 12.12
CA SER A 387 -0.27 11.72 10.89
C SER A 387 -0.77 12.55 9.67
N LYS A 388 0.15 12.84 8.76
CA LYS A 388 -0.18 13.53 7.53
C LYS A 388 -1.13 12.72 6.65
N ARG A 389 -1.25 11.42 6.92
CA ARG A 389 -2.14 10.60 6.11
C ARG A 389 -3.57 10.62 6.63
N GLY A 390 -3.76 11.26 7.79
CA GLY A 390 -5.11 11.43 8.38
C GLY A 390 -5.52 10.29 9.29
N VAL A 391 -4.63 9.29 9.46
CA VAL A 391 -4.94 8.08 10.21
C VAL A 391 -3.64 7.71 10.94
N SER A 392 -3.70 7.26 12.20
CA SER A 392 -2.55 6.93 13.04
C SER A 392 -1.64 8.14 13.32
N CYS A 393 -0.35 7.92 13.52
CA CYS A 393 0.52 8.98 14.01
C CYS A 393 1.85 9.07 13.24
N GLN A 394 2.54 10.17 13.48
CA GLN A 394 3.95 10.25 13.23
C GLN A 394 4.71 10.23 14.54
N PHE A 395 5.83 9.52 14.55
CA PHE A 395 6.50 9.20 15.79
C PHE A 395 7.96 9.57 15.65
N GLY A 396 8.48 10.25 16.67
CA GLY A 396 9.85 10.73 16.69
C GLY A 396 10.87 9.73 17.24
N PRO A 397 12.17 10.09 17.20
CA PRO A 397 13.18 9.11 17.59
C PRO A 397 13.13 8.70 19.07
N ASP A 398 12.61 9.57 19.92
CA ASP A 398 12.43 9.26 21.35
C ASP A 398 11.33 8.21 21.51
N VAL A 399 10.30 8.27 20.67
CA VAL A 399 9.27 7.20 20.65
C VAL A 399 9.91 5.84 20.26
N THR A 400 10.70 5.84 19.20
CA THR A 400 11.37 4.64 18.69
C THR A 400 12.33 4.10 19.76
N LYS A 401 13.16 4.97 20.34
CA LYS A 401 14.16 4.51 21.36
C LYS A 401 13.45 3.86 22.57
N ALA A 402 12.41 4.51 23.08
CA ALA A 402 11.69 3.97 24.24
C ALA A 402 11.03 2.60 23.94
N PHE A 403 10.39 2.46 22.76
CA PHE A 403 9.79 1.20 22.39
C PHE A 403 10.84 0.10 22.22
N LEU A 404 11.99 0.43 21.62
CA LEU A 404 13.00 -0.61 21.46
C LEU A 404 13.55 -1.01 22.83
N GLU A 405 13.86 -0.02 23.67
CA GLU A 405 14.48 -0.35 24.96
C GLU A 405 13.51 -1.19 25.78
N GLU A 406 12.25 -0.75 25.83
CA GLU A 406 11.20 -1.40 26.60
C GLU A 406 11.01 -2.82 26.15
N ASN A 407 11.31 -3.11 24.88
CA ASN A 407 11.07 -4.41 24.34
C ASN A 407 12.34 -5.21 24.03
N GLN A 408 13.51 -4.70 24.45
CA GLN A 408 14.78 -5.41 24.28
C GLN A 408 15.12 -5.65 22.81
N LEU A 409 14.74 -4.68 21.97
CA LEU A 409 14.93 -4.74 20.53
C LEU A 409 16.08 -3.82 20.10
N ASP A 410 16.71 -4.10 18.96
CA ASP A 410 17.76 -3.26 18.37
C ASP A 410 17.27 -2.19 17.37
N TYR A 411 16.32 -2.53 16.51
CA TYR A 411 15.78 -1.55 15.54
C TYR A 411 14.59 -2.11 14.82
N ILE A 412 13.90 -1.25 14.06
CA ILE A 412 12.75 -1.67 13.30
C ILE A 412 13.06 -1.54 11.80
N ILE A 413 12.43 -2.40 11.01
CA ILE A 413 12.42 -2.24 9.55
C ILE A 413 10.96 -2.00 9.13
N ARG A 414 10.72 -1.00 8.29
CA ARG A 414 9.38 -0.70 7.88
C ARG A 414 9.43 -0.25 6.40
N SER A 415 8.25 -0.08 5.80
CA SER A 415 8.26 0.28 4.38
C SER A 415 7.37 1.52 4.19
N HIS A 416 6.34 1.44 3.33
CA HIS A 416 5.20 2.39 3.31
C HIS A 416 5.53 3.74 2.69
N GLU A 417 6.78 4.23 2.81
CA GLU A 417 7.13 5.52 2.14
C GLU A 417 8.03 5.31 0.93
N VAL A 418 7.70 5.87 -0.22
CA VAL A 418 8.62 5.93 -1.37
C VAL A 418 9.94 6.63 -1.00
N LYS A 419 11.06 6.04 -1.36
CA LYS A 419 12.34 6.70 -1.15
C LYS A 419 13.16 6.77 -2.46
N ALA A 420 13.78 7.91 -2.74
CA ALA A 420 14.55 8.08 -3.99
C ALA A 420 15.65 7.04 -4.20
N GLU A 421 16.25 6.55 -3.12
CA GLU A 421 17.33 5.57 -3.22
C GLU A 421 16.83 4.17 -2.91
N GLY A 422 15.52 4.03 -2.71
CA GLY A 422 14.90 2.73 -2.32
C GLY A 422 14.95 2.35 -0.85
N TYR A 423 15.62 3.18 -0.05
CA TYR A 423 15.74 2.95 1.41
C TYR A 423 16.10 4.25 2.14
N GLU A 424 15.96 4.25 3.47
CA GLU A 424 16.40 5.37 4.28
C GLU A 424 16.64 4.86 5.71
N VAL A 425 17.58 5.47 6.41
CA VAL A 425 17.96 5.08 7.75
C VAL A 425 17.64 6.35 8.58
N ALA A 426 16.70 6.27 9.52
CA ALA A 426 16.29 7.42 10.32
C ALA A 426 16.45 7.12 11.81
N HIS A 427 16.23 8.13 12.65
CA HIS A 427 16.22 7.93 14.11
C HIS A 427 17.49 7.35 14.68
N GLY A 428 18.63 7.89 14.26
CA GLY A 428 19.94 7.39 14.72
C GLY A 428 20.26 5.97 14.32
N GLY A 429 19.68 5.49 13.23
CA GLY A 429 19.81 4.08 12.89
C GLY A 429 18.73 3.15 13.42
N ARG A 430 17.80 3.65 14.23
CA ARG A 430 16.80 2.78 14.85
C ARG A 430 15.54 2.53 14.00
N CYS A 431 15.35 3.35 12.95
CA CYS A 431 14.21 3.21 12.05
C CYS A 431 14.64 3.18 10.58
N VAL A 432 14.56 1.98 10.01
CA VAL A 432 14.95 1.72 8.64
C VAL A 432 13.71 1.58 7.72
N THR A 433 13.74 2.32 6.61
CA THR A 433 12.71 2.19 5.56
C THR A 433 13.26 1.44 4.34
N VAL A 434 12.52 0.44 3.85
CA VAL A 434 12.85 -0.26 2.63
C VAL A 434 11.68 -0.21 1.65
N PHE A 435 11.96 0.13 0.39
CA PHE A 435 10.85 0.31 -0.58
C PHE A 435 11.20 -0.40 -1.88
N SER A 436 10.31 -1.25 -2.43
CA SER A 436 10.75 -2.19 -3.51
C SER A 436 10.10 -2.01 -4.90
N ALA A 437 9.58 -0.80 -5.14
CA ALA A 437 8.82 -0.49 -6.35
C ALA A 437 9.55 0.68 -7.05
N PRO A 438 10.51 0.35 -7.94
CA PRO A 438 11.33 1.35 -8.66
C PRO A 438 10.48 2.09 -9.72
N ASN A 439 10.87 3.32 -10.05
CA ASN A 439 10.10 4.15 -10.96
C ASN A 439 8.62 4.03 -10.62
N TYR A 440 8.32 4.25 -9.35
CA TYR A 440 7.00 3.95 -8.78
C TYR A 440 5.93 4.62 -9.60
N CYS A 441 4.87 3.85 -9.89
CA CYS A 441 3.81 4.34 -10.75
C CYS A 441 4.24 4.85 -12.10
N ASP A 442 5.34 4.34 -12.64
CA ASP A 442 5.94 4.86 -13.89
C ASP A 442 6.36 6.34 -13.86
N GLN A 443 6.36 6.98 -12.69
CA GLN A 443 6.68 8.44 -12.68
C GLN A 443 7.78 8.92 -11.71
N MET A 444 7.89 8.30 -10.54
CA MET A 444 8.81 8.81 -9.53
C MET A 444 10.31 8.75 -9.89
N GLY A 445 10.70 7.88 -10.82
CA GLY A 445 12.13 7.64 -11.17
C GLY A 445 13.06 7.21 -10.03
N ASN A 446 12.49 6.75 -8.91
CA ASN A 446 13.30 6.26 -7.78
C ASN A 446 13.95 4.91 -8.02
N LYS A 447 15.12 4.69 -7.41
CA LYS A 447 15.68 3.35 -7.20
C LYS A 447 14.77 2.62 -6.23
N ALA A 448 14.86 1.28 -6.25
CA ALA A 448 14.21 0.42 -5.31
C ALA A 448 15.30 -0.30 -4.63
N SER A 449 15.00 -0.92 -3.48
CA SER A 449 16.02 -1.78 -2.80
C SER A 449 15.36 -2.90 -2.02
N TYR A 450 16.15 -3.92 -1.74
CA TYR A 450 15.86 -4.94 -0.72
C TYR A 450 17.02 -5.05 0.27
N ILE A 451 16.70 -5.60 1.44
CA ILE A 451 17.63 -5.81 2.52
C ILE A 451 18.04 -7.31 2.63
N HIS A 452 19.32 -7.56 2.93
CA HIS A 452 19.77 -8.86 3.51
C HIS A 452 20.07 -8.74 4.97
N LEU A 453 19.54 -9.66 5.76
CA LEU A 453 19.95 -9.80 7.16
C LEU A 453 20.61 -11.16 7.28
N GLN A 454 21.51 -11.30 8.27
CA GLN A 454 22.19 -12.57 8.51
C GLN A 454 22.17 -12.89 9.99
N GLY A 455 21.89 -14.14 10.34
CA GLY A 455 21.82 -14.59 11.74
C GLY A 455 23.00 -14.19 12.61
N SER A 456 24.17 -14.11 12.00
CA SER A 456 25.37 -13.82 12.76
C SER A 456 25.51 -12.33 12.89
N ASP A 457 24.81 -11.62 12.00
CA ASP A 457 25.00 -10.19 11.82
C ASP A 457 23.71 -9.56 11.25
N LEU A 458 22.92 -9.02 12.14
CA LEU A 458 21.57 -8.57 11.83
C LEU A 458 21.52 -7.10 11.35
N ARG A 459 22.67 -6.51 11.02
CA ARG A 459 22.70 -5.16 10.44
C ARG A 459 22.16 -5.25 9.02
N PRO A 460 21.27 -4.31 8.61
CA PRO A 460 20.73 -4.36 7.25
C PRO A 460 21.83 -4.14 6.17
N GLN A 461 21.94 -5.03 5.20
CA GLN A 461 22.66 -4.69 3.97
C GLN A 461 21.71 -4.33 2.80
N PHE A 462 21.84 -3.14 2.23
CA PHE A 462 20.96 -2.67 1.14
C PHE A 462 21.42 -3.02 -0.27
N HIS A 463 20.54 -3.53 -1.11
CA HIS A 463 20.82 -3.71 -2.54
C HIS A 463 19.84 -2.96 -3.37
N GLN A 464 20.35 -2.04 -4.19
CA GLN A 464 19.50 -1.18 -5.03
C GLN A 464 19.33 -1.74 -6.42
N PHE A 465 18.22 -1.38 -7.05
CA PHE A 465 17.93 -1.84 -8.39
C PHE A 465 17.01 -0.89 -9.10
N THR A 466 17.04 -0.95 -10.42
CA THR A 466 16.24 0.00 -11.18
C THR A 466 15.08 -0.68 -11.88
N ALA A 467 14.16 0.11 -12.43
CA ALA A 467 13.00 -0.47 -13.08
C ALA A 467 13.34 -1.15 -14.39
N VAL A 468 12.43 -2.04 -14.76
CA VAL A 468 12.55 -2.92 -15.90
C VAL A 468 11.34 -2.63 -16.81
N PRO A 469 11.45 -2.85 -18.13
CA PRO A 469 10.29 -2.56 -19.00
C PRO A 469 9.06 -3.47 -18.76
N HIS A 470 7.88 -2.98 -19.11
CA HIS A 470 6.64 -3.74 -18.93
C HIS A 470 5.71 -3.37 -20.07
N PRO A 471 4.65 -4.15 -20.27
CA PRO A 471 3.70 -3.88 -21.36
C PRO A 471 2.95 -2.55 -21.20
N ASN A 472 2.34 -2.14 -22.30
CA ASN A 472 1.59 -0.93 -22.44
C ASN A 472 0.31 -0.84 -21.61
N VAL A 473 0.38 -0.86 -20.28
CA VAL A 473 -0.83 -0.66 -19.43
C VAL A 473 -0.49 0.43 -18.42
N LYS A 474 -1.38 1.40 -18.22
CA LYS A 474 -1.09 2.54 -17.37
C LYS A 474 -1.28 2.17 -15.90
N PRO A 475 -0.49 2.77 -14.97
CA PRO A 475 -0.85 2.61 -13.57
C PRO A 475 -2.30 3.11 -13.38
N MET A 476 -3.04 2.48 -12.45
CA MET A 476 -4.41 2.85 -12.09
C MET A 476 -5.39 2.75 -13.27
N ALA A 477 -5.00 2.02 -14.32
CA ALA A 477 -5.86 1.77 -15.45
C ALA A 477 -7.20 1.11 -15.05
N TYR A 478 -7.20 0.30 -14.00
CA TYR A 478 -8.42 -0.34 -13.53
C TYR A 478 -9.12 0.40 -12.36
N ALA A 479 -8.68 1.58 -11.99
CA ALA A 479 -9.26 2.22 -10.81
C ALA A 479 -10.39 3.13 -11.29
N ASN A 480 -11.36 3.42 -10.43
CA ASN A 480 -12.34 4.52 -10.71
C ASN A 480 -11.69 5.92 -10.82
N THR A 481 -12.48 6.97 -11.05
CA THR A 481 -11.87 8.28 -11.26
C THR A 481 -11.68 9.09 -9.96
N LEU A 482 -12.07 8.51 -8.83
CA LEU A 482 -12.16 9.31 -7.59
C LEU A 482 -10.82 9.91 -7.15
N LEU A 483 -9.72 9.19 -7.39
CA LEU A 483 -8.41 9.67 -6.97
C LEU A 483 -7.45 9.94 -8.12
N GLN A 484 -8.03 10.21 -9.29
CA GLN A 484 -7.27 10.62 -10.46
C GLN A 484 -7.65 12.06 -10.79
N LEU A 485 -7.12 13.02 -10.04
CA LEU A 485 -7.43 14.46 -10.23
C LEU A 485 -6.26 15.23 -10.81
N GLY A 486 -6.52 16.42 -11.33
CA GLY A 486 -5.51 17.18 -12.07
C GLY A 486 -5.28 16.53 -13.43
MG MG B . 1.87 1.69 2.59
MG MG C . 2.42 1.51 -0.15
#